data_6H2C
#
_entry.id   6H2C
#
_cell.length_a   39.650
_cell.length_b   41.980
_cell.length_c   76.917
_cell.angle_alpha   78.40
_cell.angle_beta   89.95
_cell.angle_gamma   89.75
#
_symmetry.space_group_name_H-M   'P 1'
#
loop_
_entity.id
_entity.type
_entity.pdbx_description
1 polymer Beta-lactamase
2 non-polymer (2E)-3-[(4-hydroxy-2-oxobutyl)amino]prop-2-enal
3 non-polymer 'ACETATE ION'
4 non-polymer GLYCEROL
5 non-polymer 'POLYETHYLENE GLYCOL (N=34)'
6 non-polymer 'CARBON DIOXIDE'
7 water water
#
_entity_poly.entity_id   1
_entity_poly.type   'polypeptide(L)'
_entity_poly.pdbx_seq_one_letter_code
;MDLADRFAELERRYDARLGVYVPATGTTAAIEYRADERFAFCSTFKAPLVAAVLHQNPLTHLDKLITYTSDDIRSISPVA
QQHVQTGMTIGQLCDAAIRYSDGTAANLLLADLGGPGGGTAAFTGYLRSLGDTVSRLDAEEPELNRDPPGDERDTTTPHA
IALVLQQLVLGNALPPDKRALLTDWMARNTTGAKRIRAGFPADWKVIDKTGTGDYGRANDIAVVWSPTGVPYVVAVMSDR
AGGGYDAEPREALLAEAATCVAGVLALEHHHHHH
;
_entity_poly.pdbx_strand_id   A,B
#
# COMPACT_ATOMS: atom_id res chain seq x y z
N MET A 1 13.88 -31.48 -8.26
CA MET A 1 14.32 -30.12 -8.67
C MET A 1 13.52 -29.05 -7.90
N ASP A 2 13.75 -28.97 -6.59
CA ASP A 2 13.24 -27.84 -5.83
C ASP A 2 14.17 -26.62 -6.11
N LEU A 3 13.73 -25.47 -5.64
CA LEU A 3 14.46 -24.23 -5.85
C LEU A 3 15.85 -24.14 -5.17
N ALA A 4 15.99 -24.74 -3.99
CA ALA A 4 17.27 -24.85 -3.32
C ALA A 4 18.33 -25.50 -4.22
N ASP A 5 17.97 -26.56 -4.95
CA ASP A 5 18.89 -27.19 -5.88
C ASP A 5 19.36 -26.26 -6.99
N ARG A 6 18.44 -25.46 -7.50
CA ARG A 6 18.81 -24.48 -8.55
C ARG A 6 19.81 -23.49 -7.96
N PHE A 7 19.49 -22.95 -6.79
CA PHE A 7 20.37 -21.99 -6.12
C PHE A 7 21.76 -22.60 -5.81
N ALA A 8 21.80 -23.87 -5.45
CA ALA A 8 23.05 -24.57 -5.20
C ALA A 8 23.90 -24.62 -6.43
N GLU A 9 23.31 -24.92 -7.57
CA GLU A 9 24.08 -24.97 -8.83
C GLU A 9 24.62 -23.58 -9.16
N LEU A 10 23.89 -22.52 -8.82
CA LEU A 10 24.42 -21.16 -9.04
C LEU A 10 25.70 -20.92 -8.24
N GLU A 11 25.72 -21.41 -7.01
CA GLU A 11 26.89 -21.30 -6.09
C GLU A 11 28.09 -22.05 -6.59
N ARG A 12 27.88 -23.31 -6.98
CA ARG A 12 28.97 -24.12 -7.60
C ARG A 12 29.51 -23.42 -8.84
N ARG A 13 28.62 -23.04 -9.75
CA ARG A 13 29.04 -22.47 -11.05
C ARG A 13 29.78 -21.14 -10.88
N TYR A 14 29.32 -20.28 -9.98
CA TYR A 14 29.95 -19.00 -9.77
C TYR A 14 31.04 -18.99 -8.69
N ASP A 15 31.23 -20.11 -7.98
CA ASP A 15 32.19 -20.22 -6.86
C ASP A 15 31.88 -19.10 -5.85
N ALA A 16 30.73 -19.22 -5.22
CA ALA A 16 30.09 -18.13 -4.50
C ALA A 16 29.11 -18.64 -3.44
N ARG A 17 28.85 -17.80 -2.45
CA ARG A 17 27.84 -18.06 -1.47
C ARG A 17 26.68 -17.13 -1.82
N LEU A 18 25.47 -17.67 -1.85
CA LEU A 18 24.29 -16.93 -2.26
C LEU A 18 23.25 -16.99 -1.16
N GLY A 19 22.71 -15.82 -0.82
CA GLY A 19 21.59 -15.68 0.09
C GLY A 19 20.41 -15.04 -0.62
N VAL A 20 19.26 -15.68 -0.55
CA VAL A 20 18.04 -15.16 -1.13
C VAL A 20 16.89 -15.10 -0.13
N TYR A 21 16.15 -13.99 -0.15
CA TYR A 21 14.86 -13.98 0.56
C TYR A 21 13.78 -13.19 -0.16
N VAL A 22 12.61 -13.82 -0.19
CA VAL A 22 11.39 -13.23 -0.71
C VAL A 22 10.33 -13.52 0.37
N PRO A 23 9.82 -12.47 1.06
CA PRO A 23 8.83 -12.72 2.07
C PRO A 23 7.56 -13.46 1.61
N ALA A 24 6.94 -14.15 2.55
CA ALA A 24 5.65 -14.77 2.33
C ALA A 24 4.62 -13.69 2.04
N THR A 25 3.63 -14.06 1.23
CA THR A 25 2.49 -13.21 0.94
C THR A 25 1.25 -14.05 1.21
N GLY A 26 0.08 -13.42 1.12
CA GLY A 26 -1.21 -14.09 1.31
C GLY A 26 -1.37 -15.36 0.50
N THR A 27 -0.75 -15.41 -0.68
CA THR A 27 -0.88 -16.53 -1.60
C THR A 27 0.45 -17.19 -2.04
N THR A 28 1.61 -16.73 -1.54
CA THR A 28 2.93 -17.34 -1.88
C THR A 28 3.72 -17.63 -0.59
N ALA A 29 4.34 -18.80 -0.51
CA ALA A 29 5.26 -19.14 0.56
C ALA A 29 6.52 -18.30 0.40
N ALA A 30 7.27 -18.14 1.48
CA ALA A 30 8.56 -17.45 1.44
C ALA A 30 9.50 -18.27 0.60
N ILE A 31 10.36 -17.57 -0.14
CA ILE A 31 11.52 -18.20 -0.78
C ILE A 31 12.74 -17.82 0.10
N GLU A 32 13.46 -18.84 0.59
CA GLU A 32 14.58 -18.64 1.52
C GLU A 32 15.72 -19.56 1.12
N TYR A 33 16.90 -18.97 0.92
CA TYR A 33 18.15 -19.73 0.70
C TYR A 33 19.26 -19.00 1.44
N ARG A 34 19.76 -19.61 2.49
CA ARG A 34 20.70 -18.99 3.45
C ARG A 34 20.18 -17.64 3.96
N ALA A 35 18.88 -17.56 4.19
CA ALA A 35 18.25 -16.29 4.43
C ALA A 35 18.65 -15.68 5.74
N ASP A 36 19.01 -16.54 6.69
CA ASP A 36 19.47 -16.09 8.02
C ASP A 36 20.95 -16.13 8.27
N GLU A 37 21.72 -16.45 7.24
CA GLU A 37 23.14 -16.22 7.25
C GLU A 37 23.44 -14.74 7.04
N ARG A 38 24.53 -14.31 7.68
CA ARG A 38 24.97 -12.94 7.54
C ARG A 38 25.75 -12.69 6.27
N PHE A 39 25.55 -11.50 5.73
CA PHE A 39 26.26 -11.02 4.58
C PHE A 39 26.47 -9.54 4.79
N ALA A 40 27.58 -9.03 4.31
CA ALA A 40 27.84 -7.61 4.33
C ALA A 40 26.72 -6.83 3.63
N PHE A 41 26.26 -5.76 4.29
CA PHE A 41 25.31 -4.80 3.74
C PHE A 41 25.83 -4.26 2.43
N CYS A 42 27.11 -3.84 2.44
CA CYS A 42 27.65 -2.95 1.40
C CYS A 42 26.66 -1.79 1.22
N SER A 43 26.47 -1.24 0.02
CA SER A 43 25.63 -0.06 -0.11
C SER A 43 24.13 -0.27 0.06
N THR A 44 23.68 -1.51 0.26
CA THR A 44 22.26 -1.73 0.49
C THR A 44 21.70 -0.98 1.69
N PHE A 45 22.57 -0.67 2.69
CA PHE A 45 22.15 0.16 3.85
C PHE A 45 21.62 1.56 3.48
N LYS A 46 22.04 2.08 2.34
CA LYS A 46 21.74 3.45 1.99
C LYS A 46 20.22 3.69 1.80
N ALA A 47 19.43 2.66 1.47
CA ALA A 47 17.99 2.81 1.35
C ALA A 47 17.32 2.99 2.72
N PRO A 48 17.56 2.07 3.69
CA PRO A 48 17.06 2.39 5.04
C PRO A 48 17.66 3.68 5.66
N LEU A 49 18.91 4.01 5.31
CA LEU A 49 19.51 5.27 5.75
C LEU A 49 18.68 6.47 5.30
N VAL A 50 18.28 6.52 4.03
CA VAL A 50 17.45 7.60 3.51
C VAL A 50 16.09 7.62 4.17
N ALA A 51 15.55 6.44 4.47
CA ALA A 51 14.31 6.35 5.22
C ALA A 51 14.45 6.95 6.64
N ALA A 52 15.59 6.70 7.28
CA ALA A 52 15.84 7.19 8.64
C ALA A 52 15.87 8.70 8.64
N VAL A 53 16.54 9.28 7.66
CA VAL A 53 16.64 10.73 7.52
C VAL A 53 15.27 11.33 7.23
N LEU A 54 14.56 10.78 6.24
CA LEU A 54 13.18 11.17 5.96
C LEU A 54 12.27 11.09 7.17
N HIS A 55 12.25 9.95 7.83
CA HIS A 55 11.36 9.74 8.92
C HIS A 55 11.53 10.77 10.06
N GLN A 56 12.78 11.06 10.40
CA GLN A 56 13.10 11.94 11.53
C GLN A 56 12.95 13.45 11.29
N ASN A 57 12.71 13.89 10.07
CA ASN A 57 12.72 15.33 9.74
C ASN A 57 11.51 15.68 8.93
N PRO A 58 11.09 16.94 8.98
CA PRO A 58 10.08 17.40 8.00
C PRO A 58 10.63 17.37 6.58
N LEU A 59 9.76 17.42 5.57
CA LEU A 59 10.26 17.46 4.16
C LEU A 59 11.14 18.69 3.83
N THR A 60 10.93 19.82 4.50
CA THR A 60 11.77 21.02 4.31
C THR A 60 13.27 20.79 4.61
N HIS A 61 13.57 19.84 5.49
CA HIS A 61 14.96 19.50 5.83
C HIS A 61 15.76 18.97 4.60
N LEU A 62 15.04 18.47 3.60
CA LEU A 62 15.64 18.05 2.33
C LEU A 62 16.23 19.24 1.58
N ASP A 63 15.78 20.46 1.89
CA ASP A 63 16.33 21.68 1.31
C ASP A 63 17.59 22.19 1.98
N LYS A 64 17.98 21.61 3.12
CA LYS A 64 19.17 22.04 3.84
C LYS A 64 20.46 21.75 3.08
N LEU A 65 21.23 22.79 2.78
CA LEU A 65 22.47 22.67 1.99
C LEU A 65 23.58 22.19 2.90
N ILE A 66 24.25 21.09 2.51
CA ILE A 66 25.40 20.57 3.22
C ILE A 66 26.64 20.89 2.38
N THR A 67 27.63 21.52 2.99
CA THR A 67 28.89 21.83 2.31
C THR A 67 29.96 20.87 2.78
N TYR A 68 30.88 20.52 1.89
CA TYR A 68 31.95 19.58 2.17
C TYR A 68 33.15 19.94 1.30
N THR A 69 34.26 19.24 1.49
CA THR A 69 35.48 19.47 0.70
C THR A 69 35.92 18.15 0.08
N SER A 70 36.96 18.24 -0.74
CA SER A 70 37.60 17.07 -1.33
C SER A 70 38.13 16.06 -0.31
N ASP A 71 38.52 16.50 0.88
CA ASP A 71 39.00 15.58 1.93
C ASP A 71 37.90 14.67 2.48
N ASP A 72 36.65 15.08 2.34
CA ASP A 72 35.55 14.19 2.74
C ASP A 72 35.34 13.04 1.75
N ILE A 73 35.86 13.19 0.53
CA ILE A 73 35.63 12.21 -0.55
C ILE A 73 36.70 11.15 -0.44
N ARG A 74 36.42 10.13 0.38
CA ARG A 74 37.38 9.00 0.58
C ARG A 74 36.82 7.67 0.04
N SER A 75 35.81 7.75 -0.82
CA SER A 75 35.25 6.59 -1.49
C SER A 75 34.59 7.03 -2.78
N ILE A 76 34.13 6.06 -3.56
CA ILE A 76 33.57 6.33 -4.88
C ILE A 76 32.30 7.19 -4.73
N SER A 77 32.32 8.39 -5.30
CA SER A 77 31.37 9.45 -5.02
C SER A 77 31.07 10.23 -6.29
N PRO A 78 30.35 9.59 -7.24
CA PRO A 78 30.22 10.21 -8.56
C PRO A 78 29.48 11.54 -8.58
N VAL A 79 28.54 11.73 -7.64
CA VAL A 79 27.75 12.97 -7.57
C VAL A 79 28.38 13.98 -6.62
N ALA A 80 28.89 13.51 -5.48
CA ALA A 80 29.61 14.40 -4.56
C ALA A 80 30.84 15.06 -5.25
N GLN A 81 31.54 14.31 -6.13
CA GLN A 81 32.62 14.88 -6.93
C GLN A 81 32.18 16.02 -7.88
N GLN A 82 30.99 15.90 -8.50
CA GLN A 82 30.49 16.98 -9.40
C GLN A 82 30.06 18.24 -8.65
N HIS A 83 29.68 18.07 -7.36
CA HIS A 83 29.15 19.21 -6.53
C HIS A 83 30.05 19.65 -5.36
N VAL A 84 31.32 19.27 -5.41
CA VAL A 84 32.24 19.52 -4.31
C VAL A 84 32.39 21.00 -3.94
N GLN A 85 32.35 21.86 -4.95
CA GLN A 85 32.63 23.25 -4.81
C GLN A 85 31.40 24.02 -4.34
N THR A 86 30.21 23.51 -4.63
CA THR A 86 28.95 24.20 -4.38
C THR A 86 28.09 23.55 -3.28
N GLY A 87 28.37 22.29 -2.92
CA GLY A 87 27.60 21.61 -1.86
C GLY A 87 26.40 20.89 -2.40
N MET A 88 25.72 20.17 -1.52
CA MET A 88 24.55 19.40 -1.87
C MET A 88 23.50 19.48 -0.79
N THR A 89 22.24 19.56 -1.16
CA THR A 89 21.16 19.52 -0.19
C THR A 89 21.02 18.09 0.32
N ILE A 90 20.39 17.98 1.47
CA ILE A 90 20.02 16.67 2.04
C ILE A 90 19.26 15.78 1.02
N GLY A 91 18.35 16.40 0.28
CA GLY A 91 17.58 15.70 -0.77
C GLY A 91 18.44 15.20 -1.90
N GLN A 92 19.32 16.07 -2.38
CA GLN A 92 20.32 15.70 -3.37
C GLN A 92 21.18 14.57 -2.88
N LEU A 93 21.50 14.58 -1.60
CA LEU A 93 22.34 13.53 -0.99
C LEU A 93 21.63 12.17 -0.91
N CYS A 94 20.34 12.19 -0.56
CA CYS A 94 19.49 10.98 -0.56
C CYS A 94 19.46 10.43 -1.98
N ASP A 95 19.23 11.32 -2.93
CA ASP A 95 19.21 11.03 -4.39
C ASP A 95 20.52 10.32 -4.82
N ALA A 96 21.67 10.92 -4.46
CA ALA A 96 22.98 10.41 -4.83
C ALA A 96 23.29 9.08 -4.17
N ALA A 97 23.02 8.97 -2.86
CA ALA A 97 23.23 7.75 -2.10
C ALA A 97 22.52 6.56 -2.72
N ILE A 98 21.26 6.74 -3.07
CA ILE A 98 20.48 5.68 -3.64
C ILE A 98 20.77 5.42 -5.14
N ARG A 99 20.76 6.47 -5.95
CA ARG A 99 20.70 6.29 -7.41
C ARG A 99 22.07 6.05 -8.03
N TYR A 100 23.12 6.55 -7.37
CA TYR A 100 24.49 6.38 -7.81
C TYR A 100 25.37 5.71 -6.74
N SER A 101 24.77 5.23 -5.64
CA SER A 101 25.48 4.61 -4.52
C SER A 101 26.66 5.44 -3.98
N ASP A 102 26.48 6.76 -3.94
CA ASP A 102 27.58 7.68 -3.69
C ASP A 102 28.03 7.50 -2.27
N GLY A 103 29.34 7.26 -2.09
CA GLY A 103 29.95 7.01 -0.78
C GLY A 103 29.94 8.18 0.17
N THR A 104 30.36 9.34 -0.31
CA THR A 104 30.41 10.55 0.47
C THR A 104 28.99 10.96 0.89
N ALA A 105 28.04 10.80 -0.04
CA ALA A 105 26.66 11.15 0.24
C ALA A 105 26.10 10.37 1.43
N ALA A 106 26.24 9.02 1.41
CA ALA A 106 25.86 8.19 2.57
C ALA A 106 26.54 8.63 3.90
N ASN A 107 27.82 8.95 3.84
CA ASN A 107 28.56 9.41 5.06
C ASN A 107 28.01 10.71 5.60
N LEU A 108 27.68 11.65 4.71
CA LEU A 108 27.09 12.91 5.14
C LEU A 108 25.70 12.73 5.73
N LEU A 109 24.97 11.77 5.19
CA LEU A 109 23.65 11.46 5.72
C LEU A 109 23.79 10.80 7.07
N LEU A 110 24.76 9.90 7.21
CA LEU A 110 25.08 9.30 8.52
C LEU A 110 25.41 10.35 9.56
N ALA A 111 26.16 11.39 9.16
CA ALA A 111 26.47 12.55 10.05
C ALA A 111 25.23 13.39 10.41
N ASP A 112 24.39 13.64 9.44
CA ASP A 112 23.10 14.29 9.69
C ASP A 112 22.24 13.48 10.68
N LEU A 113 22.17 12.19 10.52
CA LEU A 113 21.38 11.36 11.37
C LEU A 113 21.85 11.26 12.82
N GLY A 114 23.14 11.09 13.03
CA GLY A 114 23.68 10.83 14.36
C GLY A 114 24.85 11.66 14.78
N GLY A 115 25.19 12.72 14.04
CA GLY A 115 26.37 13.51 14.31
C GLY A 115 27.63 12.78 13.85
N PRO A 116 28.79 13.49 13.88
CA PRO A 116 30.07 12.82 13.58
C PRO A 116 30.37 11.78 14.64
N GLY A 117 30.77 10.59 14.24
CA GLY A 117 30.96 9.50 15.18
C GLY A 117 29.74 8.82 15.79
N GLY A 118 28.55 9.39 15.65
CA GLY A 118 27.30 8.73 16.08
C GLY A 118 26.43 8.11 14.98
N GLY A 119 26.73 8.41 13.71
CA GLY A 119 25.97 7.97 12.54
C GLY A 119 25.67 6.48 12.38
N THR A 120 26.70 5.66 12.50
CA THR A 120 26.49 4.23 12.30
C THR A 120 25.63 3.61 13.41
N ALA A 121 25.80 4.10 14.65
CA ALA A 121 24.99 3.64 15.77
C ALA A 121 23.54 4.12 15.61
N ALA A 122 23.37 5.35 15.16
CA ALA A 122 22.03 5.90 14.96
C ALA A 122 21.27 5.17 13.85
N PHE A 123 21.95 4.83 12.77
CA PHE A 123 21.35 4.08 11.67
C PHE A 123 20.97 2.70 12.20
N THR A 124 21.85 2.09 12.97
CA THR A 124 21.55 0.77 13.51
C THR A 124 20.30 0.85 14.37
N GLY A 125 20.21 1.97 15.12
CA GLY A 125 19.07 2.31 15.93
C GLY A 125 17.77 2.35 15.16
N TYR A 126 17.80 2.99 14.00
CA TYR A 126 16.59 3.06 13.19
C TYR A 126 16.11 1.66 12.83
N LEU A 127 17.01 0.72 12.54
CA LEU A 127 16.65 -0.68 12.23
C LEU A 127 16.04 -1.36 13.45
N ARG A 128 16.60 -1.11 14.63
CA ARG A 128 16.03 -1.66 15.86
C ARG A 128 14.60 -1.09 16.09
N SER A 129 14.37 0.17 15.75
CA SER A 129 13.02 0.82 15.92
C SER A 129 11.99 0.13 15.01
N LEU A 130 12.47 -0.52 13.96
CA LEU A 130 11.66 -1.28 13.04
C LEU A 130 11.60 -2.75 13.41
N GLY A 131 12.06 -3.10 14.62
CA GLY A 131 12.11 -4.49 15.07
C GLY A 131 13.16 -5.40 14.42
N ASP A 132 14.14 -4.81 13.73
CA ASP A 132 15.31 -5.57 13.23
C ASP A 132 16.42 -5.55 14.30
N THR A 133 16.52 -6.65 15.06
CA THR A 133 17.53 -6.83 16.08
C THR A 133 18.79 -7.51 15.53
N VAL A 134 18.82 -7.84 14.23
CA VAL A 134 19.91 -8.62 13.64
C VAL A 134 20.98 -7.75 12.96
N SER A 135 20.54 -6.83 12.12
CA SER A 135 21.46 -6.02 11.34
C SER A 135 22.27 -5.08 12.19
N ARG A 136 23.48 -4.76 11.70
CA ARG A 136 24.32 -3.74 12.34
C ARG A 136 25.22 -3.02 11.37
N LEU A 137 25.35 -1.72 11.55
CA LEU A 137 26.37 -0.94 10.89
C LEU A 137 27.39 -0.38 11.91
N ASP A 138 28.67 -0.45 11.54
CA ASP A 138 29.80 -0.14 12.46
C ASP A 138 30.83 0.79 11.86
N ALA A 139 30.87 0.94 10.54
CA ALA A 139 31.87 1.75 9.88
C ALA A 139 31.21 2.62 8.82
N GLU A 140 31.91 3.65 8.42
CA GLU A 140 31.51 4.49 7.31
C GLU A 140 32.10 4.02 5.99
N GLU A 141 31.77 4.72 4.92
CA GLU A 141 32.39 4.50 3.61
C GLU A 141 33.86 4.98 3.63
N PRO A 142 34.86 4.23 3.14
CA PRO A 142 34.72 2.95 2.42
C PRO A 142 34.84 1.66 3.23
N GLU A 143 35.20 1.77 4.52
CA GLU A 143 35.57 0.62 5.37
C GLU A 143 34.49 -0.44 5.54
N LEU A 144 33.25 0.01 5.55
CA LEU A 144 32.14 -0.85 5.75
C LEU A 144 32.07 -2.03 4.73
N ASN A 145 32.54 -1.79 3.52
CA ASN A 145 32.61 -2.79 2.42
C ASN A 145 33.79 -3.75 2.52
N ARG A 146 34.65 -3.57 3.53
CA ARG A 146 35.96 -4.24 3.60
C ARG A 146 36.23 -5.11 4.82
N ASP A 147 35.22 -5.39 5.65
CA ASP A 147 35.42 -6.33 6.75
C ASP A 147 35.73 -7.72 6.17
N PRO A 148 36.44 -8.56 6.93
CA PRO A 148 36.62 -9.95 6.46
C PRO A 148 35.36 -10.81 6.49
N PRO A 149 35.33 -11.88 5.67
CA PRO A 149 34.23 -12.86 5.77
C PRO A 149 34.06 -13.31 7.21
N GLY A 150 32.82 -13.39 7.67
CA GLY A 150 32.51 -13.90 9.02
C GLY A 150 32.49 -12.84 10.10
N ASP A 151 33.07 -11.67 9.82
CA ASP A 151 32.96 -10.52 10.69
C ASP A 151 31.48 -10.14 10.70
N GLU A 152 30.89 -10.10 11.89
CA GLU A 152 29.50 -9.68 12.04
C GLU A 152 29.31 -8.17 11.82
N ARG A 153 30.36 -7.38 11.94
CA ARG A 153 30.24 -5.96 11.71
C ARG A 153 29.73 -5.64 10.28
N ASP A 154 28.90 -4.61 10.19
CA ASP A 154 28.39 -4.14 8.89
C ASP A 154 27.64 -5.24 8.09
N THR A 155 26.99 -6.20 8.80
CA THR A 155 26.19 -7.26 8.18
C THR A 155 24.68 -7.15 8.47
N THR A 156 23.93 -7.71 7.54
CA THR A 156 22.52 -7.93 7.66
C THR A 156 22.32 -9.40 7.23
N THR A 157 21.07 -9.84 7.13
CA THR A 157 20.77 -11.12 6.52
C THR A 157 19.73 -10.88 5.42
N PRO A 158 19.62 -11.79 4.43
CA PRO A 158 18.61 -11.53 3.38
C PRO A 158 17.20 -11.36 3.97
N HIS A 159 16.86 -12.23 4.93
CA HIS A 159 15.65 -12.15 5.71
C HIS A 159 15.41 -10.77 6.38
N ALA A 160 16.38 -10.30 7.14
CA ALA A 160 16.24 -9.05 7.89
C ALA A 160 16.10 -7.82 7.00
N ILE A 161 16.95 -7.70 5.99
CA ILE A 161 16.89 -6.53 5.15
C ILE A 161 15.60 -6.52 4.26
N ALA A 162 15.18 -7.70 3.80
CA ALA A 162 13.95 -7.85 3.01
C ALA A 162 12.70 -7.36 3.83
N LEU A 163 12.63 -7.76 5.12
CA LEU A 163 11.56 -7.32 6.02
C LEU A 163 11.68 -5.84 6.36
N VAL A 164 12.90 -5.31 6.45
CA VAL A 164 13.07 -3.86 6.65
C VAL A 164 12.51 -3.13 5.43
N LEU A 165 12.99 -3.53 4.24
CA LEU A 165 12.52 -2.93 3.00
C LEU A 165 11.02 -3.00 2.78
N GLN A 166 10.42 -4.11 3.19
CA GLN A 166 9.01 -4.32 3.06
C GLN A 166 8.26 -3.28 3.86
N GLN A 167 8.68 -3.07 5.11
CA GLN A 167 8.03 -2.07 5.96
C GLN A 167 8.21 -0.67 5.36
N LEU A 168 9.38 -0.38 4.80
CA LEU A 168 9.65 0.94 4.23
C LEU A 168 8.85 1.26 2.97
N VAL A 169 8.73 0.31 2.05
CA VAL A 169 8.10 0.59 0.75
C VAL A 169 6.69 0.09 0.76
N LEU A 170 6.40 -1.03 1.41
CA LEU A 170 5.07 -1.66 1.31
C LEU A 170 4.20 -1.54 2.56
N GLY A 171 4.79 -1.38 3.74
CA GLY A 171 4.04 -1.21 5.01
C GLY A 171 4.04 0.27 5.39
N ASN A 172 3.76 0.58 6.67
CA ASN A 172 3.50 1.97 7.09
C ASN A 172 4.64 2.57 7.94
N ALA A 173 5.89 2.19 7.67
CA ALA A 173 7.02 2.79 8.39
C ALA A 173 7.19 4.26 8.05
N LEU A 174 6.79 4.64 6.85
CA LEU A 174 6.91 6.03 6.42
C LEU A 174 5.55 6.57 5.99
N PRO A 175 5.29 7.87 6.26
CA PRO A 175 4.11 8.47 5.66
C PRO A 175 4.16 8.46 4.11
N PRO A 176 2.97 8.45 3.45
CA PRO A 176 2.92 8.33 1.99
C PRO A 176 3.78 9.30 1.22
N ASP A 177 3.85 10.55 1.64
CA ASP A 177 4.71 11.50 0.88
C ASP A 177 6.21 11.15 0.99
N LYS A 178 6.68 10.77 2.17
CA LYS A 178 8.09 10.44 2.33
C LYS A 178 8.39 9.11 1.67
N ARG A 179 7.46 8.15 1.85
CA ARG A 179 7.55 6.87 1.22
C ARG A 179 7.72 6.99 -0.30
N ALA A 180 7.03 7.93 -0.94
CA ALA A 180 7.07 8.02 -2.40
C ALA A 180 8.40 8.58 -2.89
N LEU A 181 9.07 9.37 -2.04
CA LEU A 181 10.39 9.90 -2.36
C LEU A 181 11.37 8.74 -2.40
N LEU A 182 11.32 7.93 -1.34
CA LEU A 182 12.16 6.75 -1.25
C LEU A 182 11.94 5.83 -2.45
N THR A 183 10.69 5.52 -2.72
CA THR A 183 10.29 4.67 -3.82
C THR A 183 10.77 5.24 -5.18
N ASP A 184 10.54 6.53 -5.41
CA ASP A 184 10.98 7.15 -6.65
C ASP A 184 12.49 7.06 -6.81
N TRP A 185 13.25 7.36 -5.77
CA TRP A 185 14.72 7.28 -5.90
C TRP A 185 15.21 5.87 -6.26
N MET A 186 14.63 4.85 -5.61
CA MET A 186 14.99 3.47 -5.88
C MET A 186 14.54 3.05 -7.27
N ALA A 187 13.42 3.58 -7.73
CA ALA A 187 12.86 3.26 -9.06
C ALA A 187 13.73 3.80 -10.16
N ARG A 188 14.36 4.95 -9.89
CA ARG A 188 15.29 5.57 -10.85
C ARG A 188 16.78 5.26 -10.53
N ASN A 189 17.04 4.19 -9.77
CA ASN A 189 18.41 3.73 -9.51
C ASN A 189 19.09 3.44 -10.83
N THR A 190 20.35 3.84 -10.96
CA THR A 190 21.15 3.67 -12.16
C THR A 190 22.20 2.56 -12.11
N THR A 191 22.42 1.95 -10.94
CA THR A 191 23.43 0.91 -10.76
C THR A 191 22.90 -0.52 -10.84
N GLY A 192 21.59 -0.70 -10.98
CA GLY A 192 20.98 -2.03 -10.80
C GLY A 192 20.57 -2.79 -12.05
N ALA A 193 20.95 -2.32 -13.24
CA ALA A 193 20.45 -2.91 -14.54
C ALA A 193 20.76 -4.41 -14.73
N LYS A 194 21.88 -4.86 -14.18
CA LYS A 194 22.32 -6.23 -14.41
C LYS A 194 22.08 -7.19 -13.26
N ARG A 195 21.24 -6.78 -12.29
CA ARG A 195 20.98 -7.59 -11.12
C ARG A 195 19.50 -7.97 -11.09
N ILE A 196 18.72 -7.61 -10.06
CA ILE A 196 17.34 -8.08 -10.00
C ILE A 196 16.51 -7.64 -11.21
N ARG A 197 16.71 -6.40 -11.69
CA ARG A 197 16.06 -5.91 -12.92
C ARG A 197 16.17 -6.89 -14.09
N ALA A 198 17.37 -7.42 -14.31
CA ALA A 198 17.62 -8.33 -15.44
C ALA A 198 16.91 -9.69 -15.34
N GLY A 199 16.42 -10.09 -14.16
CA GLY A 199 15.66 -11.32 -14.00
C GLY A 199 14.12 -11.23 -14.00
N PHE A 200 13.58 -10.01 -14.04
CA PHE A 200 12.08 -9.78 -14.11
C PHE A 200 11.65 -9.26 -15.52
N PRO A 201 10.49 -9.72 -16.02
CA PRO A 201 10.01 -9.21 -17.30
C PRO A 201 9.89 -7.70 -17.32
N ALA A 202 10.03 -7.07 -18.49
CA ALA A 202 9.99 -5.60 -18.56
C ALA A 202 8.69 -4.96 -18.05
N ASP A 203 7.55 -5.66 -18.14
CA ASP A 203 6.29 -5.11 -17.61
C ASP A 203 6.08 -5.26 -16.08
N TRP A 204 7.06 -5.83 -15.36
CA TRP A 204 7.06 -5.76 -13.90
C TRP A 204 7.76 -4.48 -13.51
N LYS A 205 7.23 -3.76 -12.52
CA LYS A 205 7.95 -2.59 -12.02
C LYS A 205 8.97 -3.05 -10.98
N VAL A 206 10.17 -2.50 -11.04
CA VAL A 206 11.28 -2.84 -10.11
C VAL A 206 11.90 -1.54 -9.62
N ILE A 207 12.11 -1.50 -8.32
CA ILE A 207 12.92 -0.49 -7.67
C ILE A 207 13.95 -1.27 -6.88
N ASP A 208 15.16 -0.74 -6.75
CA ASP A 208 16.20 -1.48 -6.08
C ASP A 208 17.32 -0.64 -5.49
N LYS A 209 18.16 -1.30 -4.70
CA LYS A 209 19.40 -0.71 -4.19
C LYS A 209 20.47 -1.76 -4.16
N THR A 210 21.57 -1.46 -4.82
CA THR A 210 22.64 -2.43 -5.02
C THR A 210 23.66 -2.27 -3.86
N GLY A 211 24.54 -3.26 -3.76
CA GLY A 211 25.73 -3.21 -2.90
C GLY A 211 26.85 -4.03 -3.56
N THR A 212 28.07 -3.55 -3.44
CA THR A 212 29.26 -4.21 -3.98
C THR A 212 30.36 -3.93 -2.98
N GLY A 213 31.29 -4.87 -2.85
CA GLY A 213 32.37 -4.79 -1.88
C GLY A 213 33.52 -5.75 -2.15
N ASP A 214 34.46 -5.80 -1.20
CA ASP A 214 35.57 -6.72 -1.22
C ASP A 214 35.09 -8.17 -1.06
N TYR A 215 35.97 -9.11 -1.36
CA TYR A 215 35.71 -10.53 -1.36
C TYR A 215 34.51 -10.83 -2.28
N GLY A 216 34.47 -10.11 -3.39
CA GLY A 216 33.51 -10.41 -4.45
C GLY A 216 32.05 -10.27 -4.03
N ARG A 217 31.80 -9.33 -3.12
CA ARG A 217 30.45 -9.06 -2.63
C ARG A 217 29.64 -8.35 -3.71
N ALA A 218 28.44 -8.86 -3.93
CA ALA A 218 27.50 -8.21 -4.81
C ALA A 218 26.12 -8.49 -4.24
N ASN A 219 25.43 -7.42 -3.87
CA ASN A 219 24.06 -7.47 -3.33
C ASN A 219 23.06 -6.70 -4.20
N ASP A 220 21.80 -7.06 -4.03
CA ASP A 220 20.71 -6.24 -4.53
C ASP A 220 19.48 -6.46 -3.70
N ILE A 221 18.81 -5.36 -3.31
CA ILE A 221 17.48 -5.41 -2.65
C ILE A 221 16.46 -4.64 -3.47
N ALA A 222 15.35 -5.29 -3.77
CA ALA A 222 14.33 -4.75 -4.64
C ALA A 222 12.94 -4.95 -4.10
N VAL A 223 12.06 -4.04 -4.42
CA VAL A 223 10.63 -4.27 -4.39
C VAL A 223 10.13 -4.31 -5.85
N VAL A 224 9.34 -5.30 -6.14
CA VAL A 224 8.80 -5.50 -7.48
C VAL A 224 7.28 -5.54 -7.43
N TRP A 225 6.65 -5.19 -8.56
CA TRP A 225 5.19 -5.24 -8.73
C TRP A 225 4.88 -5.95 -10.05
N SER A 226 4.01 -6.94 -9.95
CA SER A 226 3.45 -7.63 -11.08
C SER A 226 2.68 -6.69 -11.97
N PRO A 227 2.44 -7.10 -13.22
CA PRO A 227 1.74 -6.17 -14.13
C PRO A 227 0.39 -5.59 -13.61
N THR A 228 -0.34 -6.37 -12.81
CA THR A 228 -1.56 -5.93 -12.08
C THR A 228 -1.35 -5.42 -10.64
N GLY A 229 -0.13 -5.02 -10.31
CA GLY A 229 0.17 -4.33 -9.06
C GLY A 229 0.39 -5.20 -7.83
N VAL A 230 0.69 -6.50 -7.98
CA VAL A 230 0.90 -7.39 -6.80
C VAL A 230 2.35 -7.19 -6.38
N PRO A 231 2.59 -6.76 -5.13
CA PRO A 231 4.00 -6.47 -4.72
C PRO A 231 4.74 -7.63 -4.06
N TYR A 232 6.05 -7.68 -4.30
CA TYR A 232 6.94 -8.61 -3.61
C TYR A 232 8.24 -7.90 -3.31
N VAL A 233 8.91 -8.34 -2.24
CA VAL A 233 10.25 -7.91 -1.92
C VAL A 233 11.26 -9.01 -2.26
N VAL A 234 12.39 -8.64 -2.83
CA VAL A 234 13.42 -9.61 -3.23
C VAL A 234 14.77 -9.16 -2.69
N ALA A 235 15.36 -9.95 -1.79
CA ALA A 235 16.74 -9.70 -1.33
C ALA A 235 17.67 -10.76 -1.89
N VAL A 236 18.68 -10.31 -2.62
CA VAL A 236 19.67 -11.19 -3.22
CA VAL A 236 19.69 -11.19 -3.20
C VAL A 236 21.08 -10.71 -2.77
N MET A 237 21.77 -11.56 -1.99
CA MET A 237 23.13 -11.22 -1.47
C MET A 237 24.13 -12.29 -1.85
N SER A 238 25.37 -11.89 -2.12
CA SER A 238 26.41 -12.87 -2.46
C SER A 238 27.81 -12.42 -2.14
N ASP A 239 28.70 -13.40 -1.93
CA ASP A 239 30.14 -13.15 -1.92
C ASP A 239 30.90 -14.32 -2.53
N ARG A 240 32.16 -14.07 -2.82
CA ARG A 240 33.07 -15.02 -3.39
C ARG A 240 34.35 -14.91 -2.60
N ALA A 241 34.33 -15.37 -1.36
CA ALA A 241 35.49 -15.23 -0.48
C ALA A 241 36.77 -16.00 -0.88
N GLY A 242 36.62 -17.03 -1.70
CA GLY A 242 37.71 -17.84 -2.16
C GLY A 242 38.73 -17.14 -3.00
N GLY A 243 38.36 -16.08 -3.68
CA GLY A 243 39.30 -15.36 -4.45
C GLY A 243 40.06 -14.29 -3.66
N GLY A 244 39.84 -14.19 -2.36
CA GLY A 244 40.46 -13.18 -1.55
C GLY A 244 39.80 -11.81 -1.63
N TYR A 245 40.37 -10.84 -0.94
CA TYR A 245 39.83 -9.48 -0.87
C TYR A 245 39.49 -8.83 -2.20
N ASP A 246 40.28 -9.09 -3.24
CA ASP A 246 40.11 -8.57 -4.52
C ASP A 246 39.29 -9.44 -5.43
N ALA A 247 38.60 -10.41 -4.89
CA ALA A 247 37.75 -11.26 -5.71
C ALA A 247 36.73 -10.47 -6.53
N GLU A 248 36.57 -10.90 -7.76
CA GLU A 248 35.64 -10.21 -8.61
C GLU A 248 34.18 -10.63 -8.31
N PRO A 249 33.34 -9.65 -8.09
CA PRO A 249 31.94 -9.98 -7.91
C PRO A 249 31.33 -10.35 -9.30
N ARG A 250 30.24 -11.10 -9.26
CA ARG A 250 29.55 -11.51 -10.48
C ARG A 250 28.08 -11.14 -10.46
N GLU A 251 27.82 -10.01 -11.08
CA GLU A 251 26.44 -9.52 -11.25
C GLU A 251 25.50 -10.57 -11.84
N ALA A 252 26.00 -11.39 -12.77
CA ALA A 252 25.17 -12.37 -13.46
C ALA A 252 24.63 -13.43 -12.47
N LEU A 253 25.32 -13.62 -11.34
CA LEU A 253 24.82 -14.51 -10.28
C LEU A 253 23.48 -13.99 -9.69
N LEU A 254 23.43 -12.68 -9.53
CA LEU A 254 22.24 -12.04 -9.00
C LEU A 254 21.09 -12.04 -10.00
N ALA A 255 21.40 -11.77 -11.26
CA ALA A 255 20.40 -11.79 -12.32
C ALA A 255 19.76 -13.15 -12.44
N GLU A 256 20.55 -14.20 -12.26
CA GLU A 256 20.06 -15.57 -12.34
C GLU A 256 19.19 -15.99 -11.16
N ALA A 257 19.66 -15.68 -9.95
CA ALA A 257 18.88 -15.90 -8.74
C ALA A 257 17.54 -15.17 -8.87
N ALA A 258 17.56 -13.95 -9.38
CA ALA A 258 16.33 -13.14 -9.54
C ALA A 258 15.39 -13.74 -10.61
N THR A 259 15.97 -14.33 -11.66
CA THR A 259 15.22 -15.04 -12.68
C THR A 259 14.53 -16.24 -12.07
N CYS A 260 15.25 -17.01 -11.26
CA CYS A 260 14.61 -18.10 -10.53
C CYS A 260 13.37 -17.62 -9.76
N VAL A 261 13.55 -16.56 -8.94
CA VAL A 261 12.46 -15.96 -8.16
C VAL A 261 11.27 -15.58 -9.07
N ALA A 262 11.54 -14.73 -10.05
CA ALA A 262 10.54 -14.24 -11.03
C ALA A 262 9.78 -15.36 -11.72
N GLY A 263 10.50 -16.41 -12.13
CA GLY A 263 9.86 -17.60 -12.66
C GLY A 263 8.78 -18.15 -11.73
N VAL A 264 9.09 -18.26 -10.44
CA VAL A 264 8.11 -18.74 -9.48
C VAL A 264 6.96 -17.74 -9.34
N LEU A 265 7.31 -16.46 -9.15
CA LEU A 265 6.31 -15.41 -8.90
C LEU A 265 5.35 -15.13 -10.07
N ALA A 266 5.81 -15.27 -11.32
CA ALA A 266 5.03 -14.91 -12.48
C ALA A 266 4.16 -16.05 -13.05
N LEU A 267 4.50 -17.27 -12.71
CA LEU A 267 3.75 -18.45 -13.11
C LEU A 267 2.50 -18.62 -12.27
N GLU A 268 1.40 -19.01 -12.94
CA GLU A 268 0.11 -19.31 -12.28
C GLU A 268 -0.26 -20.78 -12.37
N MET B 1 -18.54 31.13 9.54
CA MET B 1 -17.32 30.33 9.20
C MET B 1 -17.53 29.74 7.82
N ASP B 2 -16.48 29.74 7.00
CA ASP B 2 -16.54 29.04 5.71
C ASP B 2 -16.56 27.52 5.94
N LEU B 3 -17.15 26.77 5.03
CA LEU B 3 -17.30 25.32 5.22
C LEU B 3 -15.98 24.52 5.25
N ALA B 4 -14.99 24.95 4.45
CA ALA B 4 -13.66 24.31 4.50
C ALA B 4 -13.06 24.40 5.92
N ASP B 5 -13.19 25.58 6.52
CA ASP B 5 -12.67 25.79 7.88
C ASP B 5 -13.45 24.94 8.89
N ARG B 6 -14.76 24.77 8.71
CA ARG B 6 -15.53 23.90 9.62
C ARG B 6 -15.00 22.48 9.54
N PHE B 7 -14.85 21.98 8.30
CA PHE B 7 -14.35 20.62 8.09
C PHE B 7 -12.92 20.45 8.67
N ALA B 8 -12.10 21.50 8.56
CA ALA B 8 -10.74 21.48 9.11
C ALA B 8 -10.77 21.31 10.62
N GLU B 9 -11.66 22.02 11.29
CA GLU B 9 -11.76 21.89 12.75
C GLU B 9 -12.21 20.48 13.13
N LEU B 10 -13.06 19.85 12.32
CA LEU B 10 -13.42 18.44 12.57
C LEU B 10 -12.22 17.50 12.55
N GLU B 11 -11.32 17.74 11.59
CA GLU B 11 -10.05 16.97 11.44
C GLU B 11 -9.10 17.14 12.64
N ARG B 12 -8.87 18.40 13.01
CA ARG B 12 -8.04 18.70 14.20
C ARG B 12 -8.65 18.04 15.45
N ARG B 13 -9.94 18.24 15.67
CA ARG B 13 -10.60 17.76 16.88
C ARG B 13 -10.61 16.24 16.99
N TYR B 14 -10.85 15.56 15.87
CA TYR B 14 -10.87 14.11 15.86
C TYR B 14 -9.51 13.44 15.57
N ASP B 15 -8.49 14.23 15.23
CA ASP B 15 -7.16 13.71 14.81
C ASP B 15 -7.34 12.72 13.66
N ALA B 16 -7.78 13.25 12.53
CA ALA B 16 -8.34 12.48 11.44
C ALA B 16 -8.22 13.23 10.11
N ARG B 17 -8.24 12.45 9.02
CA ARG B 17 -8.34 13.00 7.70
C ARG B 17 -9.79 12.76 7.24
N LEU B 18 -10.41 13.78 6.68
CA LEU B 18 -11.83 13.72 6.28
C LEU B 18 -11.95 14.07 4.83
N GLY B 19 -12.71 13.23 4.10
CA GLY B 19 -13.08 13.47 2.72
C GLY B 19 -14.59 13.54 2.58
N VAL B 20 -15.07 14.61 1.96
CA VAL B 20 -16.48 14.78 1.74
C VAL B 20 -16.80 15.11 0.27
N TYR B 21 -17.85 14.49 -0.29
CA TYR B 21 -18.39 14.97 -1.55
C TYR B 21 -19.91 14.86 -1.66
N VAL B 22 -20.49 15.95 -2.18
CA VAL B 22 -21.90 16.05 -2.49
C VAL B 22 -21.98 16.63 -3.90
N PRO B 23 -22.44 15.83 -4.90
CA PRO B 23 -22.50 16.39 -6.28
C PRO B 23 -23.35 17.65 -6.44
N ALA B 24 -22.98 18.42 -7.44
CA ALA B 24 -23.75 19.58 -7.87
C ALA B 24 -25.14 19.13 -8.30
N THR B 25 -26.10 20.01 -8.08
CA THR B 25 -27.46 19.84 -8.58
C THR B 25 -27.78 21.12 -9.36
N GLY B 26 -28.93 21.13 -10.02
CA GLY B 26 -29.40 22.30 -10.79
C GLY B 26 -29.36 23.63 -10.02
N THR B 27 -29.55 23.53 -8.70
CA THR B 27 -29.63 24.70 -7.83
C THR B 27 -28.65 24.71 -6.64
N THR B 28 -27.78 23.69 -6.49
CA THR B 28 -26.74 23.66 -5.41
C THR B 28 -25.36 23.37 -6.02
N ALA B 29 -24.35 24.12 -5.56
CA ALA B 29 -22.96 23.85 -5.93
C ALA B 29 -22.53 22.53 -5.24
N ALA B 30 -21.50 21.90 -5.80
CA ALA B 30 -20.92 20.72 -5.18
C ALA B 30 -20.31 21.12 -3.83
N ILE B 31 -20.42 20.22 -2.85
CA ILE B 31 -19.66 20.34 -1.60
C ILE B 31 -18.48 19.37 -1.68
N GLU B 32 -17.25 19.88 -1.59
CA GLU B 32 -16.04 19.07 -1.76
C GLU B 32 -15.01 19.41 -0.70
N TYR B 33 -14.51 18.39 -0.02
CA TYR B 33 -13.40 18.51 0.94
C TYR B 33 -12.52 17.28 0.81
N ARG B 34 -11.31 17.47 0.27
CA ARG B 34 -10.40 16.37 -0.10
C ARG B 34 -11.12 15.32 -0.97
N ALA B 35 -11.97 15.78 -1.86
CA ALA B 35 -12.87 14.91 -2.57
C ALA B 35 -12.16 14.01 -3.53
N ASP B 36 -11.02 14.47 -4.01
CA ASP B 36 -10.19 13.72 -4.97
C ASP B 36 -8.96 13.04 -4.38
N GLU B 37 -8.82 13.12 -3.05
CA GLU B 37 -7.91 12.27 -2.34
C GLU B 37 -8.47 10.86 -2.20
N ARG B 38 -7.55 9.90 -2.19
CA ARG B 38 -7.92 8.50 -2.07
C ARG B 38 -8.15 8.09 -0.62
N PHE B 39 -9.14 7.22 -0.44
CA PHE B 39 -9.46 6.62 0.82
C PHE B 39 -9.85 5.20 0.52
N ALA B 40 -9.56 4.31 1.45
CA ALA B 40 -10.00 2.94 1.32
C ALA B 40 -11.52 2.85 1.18
N PHE B 41 -11.96 2.03 0.23
CA PHE B 41 -13.36 1.64 0.07
C PHE B 41 -13.94 1.13 1.36
N CYS B 42 -13.21 0.20 1.98
CA CYS B 42 -13.79 -0.70 3.01
C CYS B 42 -15.12 -1.25 2.48
N SER B 43 -16.14 -1.48 3.30
CA SER B 43 -17.36 -2.13 2.78
C SER B 43 -18.24 -1.28 1.86
N THR B 44 -17.90 -0.02 1.64
CA THR B 44 -18.68 0.81 0.74
C THR B 44 -18.77 0.22 -0.67
N PHE B 45 -17.76 -0.56 -1.10
CA PHE B 45 -17.81 -1.26 -2.40
C PHE B 45 -19.02 -2.21 -2.57
N LYS B 46 -19.54 -2.70 -1.48
CA LYS B 46 -20.60 -3.71 -1.55
C LYS B 46 -21.89 -3.22 -2.22
N ALA B 47 -22.16 -1.92 -2.19
CA ALA B 47 -23.35 -1.37 -2.87
C ALA B 47 -23.17 -1.41 -4.40
N PRO B 48 -22.08 -0.83 -4.94
CA PRO B 48 -21.88 -1.05 -6.39
C PRO B 48 -21.69 -2.52 -6.79
N LEU B 49 -21.11 -3.33 -5.91
CA LEU B 49 -21.02 -4.78 -6.16
C LEU B 49 -22.39 -5.40 -6.41
N VAL B 50 -23.36 -5.10 -5.54
CA VAL B 50 -24.72 -5.64 -5.70
C VAL B 50 -25.37 -5.12 -6.97
N ALA B 51 -25.09 -3.86 -7.31
CA ALA B 51 -25.55 -3.31 -8.58
C ALA B 51 -24.98 -4.07 -9.78
N ALA B 52 -23.69 -4.42 -9.72
CA ALA B 52 -23.01 -5.13 -10.80
C ALA B 52 -23.66 -6.48 -11.04
N VAL B 53 -23.93 -7.19 -9.96
CA VAL B 53 -24.55 -8.49 -10.04
C VAL B 53 -25.99 -8.39 -10.57
N LEU B 54 -26.78 -7.48 -10.01
CA LEU B 54 -28.10 -7.17 -10.55
C LEU B 54 -28.11 -6.81 -12.04
N HIS B 55 -27.25 -5.88 -12.42
CA HIS B 55 -27.22 -5.38 -13.77
C HIS B 55 -26.95 -6.50 -14.79
N GLN B 56 -25.99 -7.38 -14.45
CA GLN B 56 -25.54 -8.41 -15.41
C GLN B 56 -26.45 -9.63 -15.55
N ASN B 57 -27.48 -9.78 -14.72
CA ASN B 57 -28.28 -10.99 -14.69
C ASN B 57 -29.74 -10.66 -14.71
N PRO B 58 -30.58 -11.57 -15.20
CA PRO B 58 -32.04 -11.40 -14.98
C PRO B 58 -32.39 -11.46 -13.50
N LEU B 59 -33.57 -10.99 -13.10
CA LEU B 59 -33.98 -11.07 -11.69
C LEU B 59 -34.08 -12.51 -11.11
N THR B 60 -34.37 -13.49 -11.97
CA THR B 60 -34.41 -14.90 -11.55
C THR B 60 -33.06 -15.42 -10.98
N HIS B 61 -31.95 -14.84 -11.43
CA HIS B 61 -30.62 -15.21 -10.92
C HIS B 61 -30.46 -14.96 -9.39
N LEU B 62 -31.29 -14.07 -8.84
CA LEU B 62 -31.36 -13.84 -7.40
C LEU B 62 -31.84 -15.08 -6.64
N ASP B 63 -32.54 -15.96 -7.35
CA ASP B 63 -33.01 -17.25 -6.77
C ASP B 63 -31.95 -18.36 -6.77
N LYS B 64 -30.83 -18.13 -7.46
CA LYS B 64 -29.79 -19.16 -7.60
C LYS B 64 -29.08 -19.37 -6.27
N LEU B 65 -29.11 -20.63 -5.80
CA LEU B 65 -28.50 -21.00 -4.53
C LEU B 65 -26.98 -21.12 -4.71
N ILE B 66 -26.21 -20.42 -3.86
CA ILE B 66 -24.76 -20.57 -3.80
C ILE B 66 -24.42 -21.41 -2.57
N THR B 67 -23.66 -22.50 -2.77
CA THR B 67 -23.16 -23.29 -1.63
C THR B 67 -21.70 -22.94 -1.41
N TYR B 68 -21.28 -23.00 -0.15
CA TYR B 68 -19.91 -22.67 0.29
C TYR B 68 -19.60 -23.49 1.51
N THR B 69 -18.39 -23.36 2.08
CA THR B 69 -18.00 -24.13 3.28
C THR B 69 -17.51 -23.16 4.34
N SER B 70 -17.21 -23.71 5.51
CA SER B 70 -16.63 -22.94 6.62
C SER B 70 -15.30 -22.24 6.29
N ASP B 71 -14.51 -22.83 5.38
CA ASP B 71 -13.25 -22.21 4.96
C ASP B 71 -13.45 -20.88 4.21
N ASP B 72 -14.63 -20.68 3.61
CA ASP B 72 -14.91 -19.41 2.97
C ASP B 72 -15.17 -18.28 3.96
N ILE B 73 -15.48 -18.62 5.22
CA ILE B 73 -15.79 -17.61 6.25
C ILE B 73 -14.49 -17.08 6.86
N ARG B 74 -13.92 -16.13 6.18
CA ARG B 74 -12.64 -15.50 6.48
C ARG B 74 -12.71 -14.07 7.07
N SER B 75 -13.91 -13.62 7.32
CA SER B 75 -14.16 -12.29 7.88
C SER B 75 -15.53 -12.29 8.53
N ILE B 76 -15.88 -11.19 9.17
CA ILE B 76 -17.12 -11.07 9.94
C ILE B 76 -18.31 -11.24 8.99
N SER B 77 -19.12 -12.27 9.26
CA SER B 77 -20.13 -12.76 8.34
C SER B 77 -21.37 -13.17 9.10
N PRO B 78 -22.12 -12.20 9.63
CA PRO B 78 -23.22 -12.55 10.53
C PRO B 78 -24.32 -13.41 9.92
N VAL B 79 -24.57 -13.28 8.62
CA VAL B 79 -25.59 -14.11 7.94
C VAL B 79 -24.96 -15.36 7.32
N ALA B 80 -23.81 -15.18 6.67
CA ALA B 80 -23.16 -16.35 6.02
C ALA B 80 -22.79 -17.46 7.01
N GLN B 81 -22.38 -17.07 8.22
CA GLN B 81 -22.14 -18.07 9.30
C GLN B 81 -23.37 -18.93 9.66
N GLN B 82 -24.59 -18.37 9.62
CA GLN B 82 -25.83 -19.12 9.92
C GLN B 82 -26.13 -20.23 8.88
N HIS B 83 -25.68 -20.01 7.65
CA HIS B 83 -26.14 -20.73 6.46
C HIS B 83 -25.10 -21.61 5.73
N VAL B 84 -24.02 -21.99 6.40
CA VAL B 84 -22.95 -22.77 5.73
C VAL B 84 -23.45 -24.11 5.13
N GLN B 85 -24.36 -24.77 5.83
CA GLN B 85 -24.79 -26.12 5.46
C GLN B 85 -25.88 -26.10 4.42
N THR B 86 -26.61 -24.99 4.36
CA THR B 86 -27.80 -24.88 3.51
C THR B 86 -27.56 -23.96 2.30
N GLY B 87 -26.55 -23.09 2.35
CA GLY B 87 -26.25 -22.20 1.26
C GLY B 87 -27.05 -20.93 1.36
N MET B 88 -26.79 -20.02 0.42
CA MET B 88 -27.50 -18.75 0.33
C MET B 88 -27.75 -18.42 -1.11
N THR B 89 -28.93 -17.84 -1.38
CA THR B 89 -29.25 -17.44 -2.75
C THR B 89 -28.49 -16.15 -3.00
N ILE B 90 -28.31 -15.86 -4.27
CA ILE B 90 -27.73 -14.58 -4.68
C ILE B 90 -28.40 -13.37 -4.04
N GLY B 91 -29.73 -13.40 -3.99
CA GLY B 91 -30.53 -12.34 -3.37
C GLY B 91 -30.28 -12.20 -1.88
N GLN B 92 -30.27 -13.34 -1.18
CA GLN B 92 -29.94 -13.37 0.23
C GLN B 92 -28.54 -12.82 0.46
N LEU B 93 -27.63 -13.12 -0.48
CA LEU B 93 -26.24 -12.63 -0.37
C LEU B 93 -26.11 -11.10 -0.55
N CYS B 94 -26.87 -10.56 -1.51
CA CYS B 94 -26.94 -9.12 -1.74
C CYS B 94 -27.48 -8.45 -0.51
N ASP B 95 -28.55 -9.04 0.05
CA ASP B 95 -29.21 -8.61 1.29
C ASP B 95 -28.17 -8.52 2.45
N ALA B 96 -27.43 -9.61 2.64
CA ALA B 96 -26.45 -9.71 3.71
C ALA B 96 -25.28 -8.73 3.52
N ALA B 97 -24.73 -8.69 2.31
CA ALA B 97 -23.62 -7.77 1.98
C ALA B 97 -23.94 -6.32 2.30
N ILE B 98 -25.13 -5.88 1.92
CA ILE B 98 -25.51 -4.50 2.16
C ILE B 98 -25.99 -4.22 3.60
N ARG B 99 -26.88 -5.06 4.12
CA ARG B 99 -27.59 -4.70 5.36
C ARG B 99 -26.81 -5.04 6.61
N TYR B 100 -25.95 -6.06 6.50
CA TYR B 100 -25.10 -6.49 7.59
C TYR B 100 -23.60 -6.43 7.28
N SER B 101 -23.25 -5.85 6.12
CA SER B 101 -21.87 -5.77 5.65
C SER B 101 -21.11 -7.10 5.67
N ASP B 102 -21.80 -8.18 5.33
CA ASP B 102 -21.31 -9.54 5.56
C ASP B 102 -20.12 -9.74 4.65
N GLY B 103 -18.99 -10.16 5.22
CA GLY B 103 -17.73 -10.32 4.47
C GLY B 103 -17.73 -11.48 3.49
N THR B 104 -18.18 -12.64 3.93
CA THR B 104 -18.28 -13.80 3.06
C THR B 104 -19.27 -13.56 1.91
N ALA B 105 -20.38 -12.88 2.22
CA ALA B 105 -21.39 -12.60 1.21
C ALA B 105 -20.81 -11.74 0.06
N ALA B 106 -20.11 -10.65 0.37
CA ALA B 106 -19.40 -9.85 -0.64
C ALA B 106 -18.40 -10.68 -1.50
N ASN B 107 -17.65 -11.55 -0.84
CA ASN B 107 -16.68 -12.43 -1.54
C ASN B 107 -17.38 -13.40 -2.51
N LEU B 108 -18.49 -13.98 -2.08
CA LEU B 108 -19.27 -14.87 -2.94
C LEU B 108 -19.89 -14.14 -4.12
N LEU B 109 -20.27 -12.89 -3.90
CA LEU B 109 -20.79 -12.07 -4.98
C LEU B 109 -19.68 -11.73 -5.94
N LEU B 110 -18.50 -11.40 -5.41
CA LEU B 110 -17.32 -11.20 -6.25
C LEU B 110 -17.00 -12.40 -7.12
N ALA B 111 -17.15 -13.60 -6.55
CA ALA B 111 -16.99 -14.87 -7.31
C ALA B 111 -18.04 -15.09 -8.40
N ASP B 112 -19.29 -14.80 -8.05
CA ASP B 112 -20.36 -14.84 -9.04
C ASP B 112 -20.11 -13.84 -10.19
N LEU B 113 -19.57 -12.70 -9.86
CA LEU B 113 -19.35 -11.68 -10.83
C LEU B 113 -18.24 -11.95 -11.82
N GLY B 114 -17.14 -12.42 -11.31
CA GLY B 114 -15.92 -12.60 -12.12
C GLY B 114 -15.21 -13.92 -12.00
N GLY B 115 -15.81 -14.90 -11.34
CA GLY B 115 -15.18 -16.16 -11.06
C GLY B 115 -14.21 -16.03 -9.89
N PRO B 116 -13.70 -17.18 -9.39
CA PRO B 116 -12.65 -17.14 -8.36
C PRO B 116 -11.38 -16.51 -8.95
N GLY B 117 -10.79 -15.59 -8.21
CA GLY B 117 -9.64 -14.84 -8.75
C GLY B 117 -9.89 -13.78 -9.80
N GLY B 118 -11.08 -13.71 -10.41
CA GLY B 118 -11.44 -12.62 -11.33
C GLY B 118 -12.38 -11.53 -10.77
N GLY B 119 -12.99 -11.79 -9.62
CA GLY B 119 -13.98 -10.89 -8.95
C GLY B 119 -13.60 -9.44 -8.72
N THR B 120 -12.41 -9.20 -8.16
CA THR B 120 -12.02 -7.84 -7.86
C THR B 120 -11.79 -7.03 -9.16
N ALA B 121 -11.22 -7.67 -10.18
CA ALA B 121 -11.04 -7.04 -11.48
C ALA B 121 -12.38 -6.77 -12.17
N ALA B 122 -13.29 -7.73 -12.08
CA ALA B 122 -14.61 -7.58 -12.70
C ALA B 122 -15.44 -6.45 -12.03
N PHE B 123 -15.34 -6.34 -10.71
CA PHE B 123 -16.01 -5.27 -9.99
C PHE B 123 -15.38 -3.95 -10.41
N THR B 124 -14.07 -3.90 -10.51
CA THR B 124 -13.41 -2.68 -10.90
C THR B 124 -13.91 -2.28 -12.31
N GLY B 125 -14.08 -3.30 -13.14
CA GLY B 125 -14.63 -3.18 -14.48
C GLY B 125 -15.99 -2.51 -14.52
N TYR B 126 -16.86 -2.93 -13.64
CA TYR B 126 -18.19 -2.34 -13.57
C TYR B 126 -18.09 -0.84 -13.30
N LEU B 127 -17.15 -0.41 -12.43
CA LEU B 127 -16.94 1.02 -12.15
C LEU B 127 -16.43 1.76 -13.38
N ARG B 128 -15.52 1.13 -14.13
CA ARG B 128 -15.05 1.75 -15.38
C ARG B 128 -16.21 1.92 -16.37
N SER B 129 -17.14 0.96 -16.42
CA SER B 129 -18.32 1.03 -17.33
C SER B 129 -19.23 2.20 -16.97
N LEU B 130 -19.10 2.67 -15.72
CA LEU B 130 -19.82 3.84 -15.21
C LEU B 130 -19.00 5.09 -15.32
N GLY B 131 -17.90 5.05 -16.07
CA GLY B 131 -17.01 6.20 -16.24
C GLY B 131 -16.12 6.55 -15.03
N ASP B 132 -16.03 5.66 -14.04
CA ASP B 132 -15.10 5.82 -12.91
C ASP B 132 -13.77 5.15 -13.28
N THR B 133 -12.80 5.95 -13.70
CA THR B 133 -11.45 5.51 -14.02
C THR B 133 -10.52 5.57 -12.82
N VAL B 134 -11.01 6.01 -11.65
CA VAL B 134 -10.17 6.26 -10.48
C VAL B 134 -10.16 5.10 -9.48
N SER B 135 -11.33 4.59 -9.14
CA SER B 135 -11.45 3.57 -8.12
C SER B 135 -10.86 2.24 -8.57
N ARG B 136 -10.41 1.47 -7.57
CA ARG B 136 -9.91 0.12 -7.83
C ARG B 136 -10.13 -0.80 -6.62
N LEU B 137 -10.54 -2.03 -6.91
CA LEU B 137 -10.53 -3.10 -5.93
C LEU B 137 -9.51 -4.18 -6.33
N ASP B 138 -8.74 -4.63 -5.33
CA ASP B 138 -7.59 -5.55 -5.57
C ASP B 138 -7.57 -6.78 -4.67
N ALA B 139 -8.28 -6.73 -3.55
CA ALA B 139 -8.29 -7.82 -2.60
C ALA B 139 -9.72 -8.11 -2.19
N GLU B 140 -9.92 -9.29 -1.65
CA GLU B 140 -11.17 -9.69 -1.09
C GLU B 140 -11.24 -9.40 0.42
N GLU B 141 -12.39 -9.69 1.02
CA GLU B 141 -12.54 -9.62 2.48
C GLU B 141 -11.69 -10.72 3.15
N PRO B 142 -10.90 -10.45 4.21
CA PRO B 142 -10.82 -9.18 4.95
C PRO B 142 -9.72 -8.20 4.53
N GLU B 143 -8.82 -8.61 3.63
CA GLU B 143 -7.57 -7.87 3.32
C GLU B 143 -7.78 -6.46 2.77
N LEU B 144 -8.86 -6.27 2.07
CA LEU B 144 -9.12 -5.03 1.43
C LEU B 144 -9.24 -3.84 2.41
N ASN B 145 -9.64 -4.15 3.63
CA ASN B 145 -9.74 -3.15 4.74
C ASN B 145 -8.42 -2.82 5.42
N ARG B 146 -7.34 -3.50 5.01
CA ARG B 146 -6.09 -3.51 5.79
C ARG B 146 -4.83 -3.03 5.05
N ASP B 147 -4.96 -2.47 3.86
CA ASP B 147 -3.81 -1.86 3.21
C ASP B 147 -3.28 -0.69 4.05
N PRO B 148 -1.98 -0.40 3.96
CA PRO B 148 -1.48 0.80 4.64
C PRO B 148 -1.96 2.13 4.07
N PRO B 149 -1.95 3.21 4.88
CA PRO B 149 -2.23 4.55 4.36
C PRO B 149 -1.36 4.83 3.16
N GLY B 150 -1.95 5.41 2.11
CA GLY B 150 -1.21 5.80 0.90
C GLY B 150 -1.18 4.72 -0.17
N ASP B 151 -1.46 3.46 0.20
CA ASP B 151 -1.56 2.39 -0.76
C ASP B 151 -2.79 2.70 -1.63
N GLU B 152 -2.59 2.78 -2.95
CA GLU B 152 -3.69 3.02 -3.88
C GLU B 152 -4.63 1.82 -4.03
N ARG B 153 -4.17 0.62 -3.69
CA ARG B 153 -5.03 -0.56 -3.81
C ARG B 153 -6.28 -0.42 -2.94
N ASP B 154 -7.40 -0.93 -3.46
CA ASP B 154 -8.66 -0.94 -2.72
C ASP B 154 -9.15 0.46 -2.28
N THR B 155 -8.79 1.51 -3.06
CA THR B 155 -9.22 2.90 -2.81
C THR B 155 -10.20 3.44 -3.86
N THR B 156 -11.01 4.38 -3.39
CA THR B 156 -11.85 5.22 -4.18
C THR B 156 -11.56 6.65 -3.73
N THR B 157 -12.26 7.63 -4.29
CA THR B 157 -12.27 8.98 -3.75
C THR B 157 -13.72 9.37 -3.43
N PRO B 158 -13.93 10.35 -2.52
CA PRO B 158 -15.32 10.71 -2.26
C PRO B 158 -16.08 11.15 -3.51
N HIS B 159 -15.41 11.92 -4.35
CA HIS B 159 -15.91 12.35 -5.66
C HIS B 159 -16.34 11.18 -6.57
N ALA B 160 -15.43 10.23 -6.77
CA ALA B 160 -15.70 9.08 -7.64
C ALA B 160 -16.85 8.19 -7.17
N ILE B 161 -16.84 7.82 -5.90
CA ILE B 161 -17.87 6.92 -5.41
C ILE B 161 -19.26 7.63 -5.34
N ALA B 162 -19.27 8.92 -5.03
CA ALA B 162 -20.51 9.73 -5.02
C ALA B 162 -21.19 9.74 -6.41
N LEU B 163 -20.38 9.95 -7.46
CA LEU B 163 -20.86 9.92 -8.86
C LEU B 163 -21.29 8.49 -9.27
N VAL B 164 -20.60 7.48 -8.77
CA VAL B 164 -21.03 6.10 -9.02
C VAL B 164 -22.42 5.88 -8.40
N LEU B 165 -22.53 6.17 -7.11
CA LEU B 165 -23.80 6.02 -6.39
C LEU B 165 -24.96 6.81 -6.97
N GLN B 166 -24.65 8.00 -7.48
CA GLN B 166 -25.65 8.82 -8.11
C GLN B 166 -26.23 8.13 -9.28
N GLN B 167 -25.37 7.58 -10.16
CA GLN B 167 -25.84 6.84 -11.33
C GLN B 167 -26.66 5.62 -10.92
N LEU B 168 -26.26 4.94 -9.84
CA LEU B 168 -26.97 3.75 -9.39
C LEU B 168 -28.37 4.02 -8.83
N VAL B 169 -28.52 5.05 -8.02
CA VAL B 169 -29.78 5.28 -7.31
C VAL B 169 -30.58 6.35 -8.01
N LEU B 170 -29.91 7.39 -8.54
CA LEU B 170 -30.62 8.55 -9.09
C LEU B 170 -30.61 8.66 -10.60
N GLY B 171 -29.63 8.04 -11.29
CA GLY B 171 -29.58 8.00 -12.78
C GLY B 171 -30.12 6.64 -13.26
N ASN B 172 -29.82 6.30 -14.51
CA ASN B 172 -30.42 5.10 -15.16
C ASN B 172 -29.41 3.97 -15.38
N ALA B 173 -28.44 3.81 -14.45
CA ALA B 173 -27.51 2.67 -14.53
C ALA B 173 -28.23 1.36 -14.35
N LEU B 174 -29.33 1.36 -13.59
CA LEU B 174 -30.12 0.16 -13.40
C LEU B 174 -31.55 0.36 -13.85
N PRO B 175 -32.17 -0.68 -14.42
CA PRO B 175 -33.63 -0.60 -14.60
C PRO B 175 -34.40 -0.44 -13.29
N PRO B 176 -35.59 0.22 -13.32
CA PRO B 176 -36.35 0.51 -12.08
C PRO B 176 -36.58 -0.70 -11.20
N ASP B 177 -36.88 -1.87 -11.73
CA ASP B 177 -37.08 -3.03 -10.83
C ASP B 177 -35.79 -3.44 -10.07
N LYS B 178 -34.66 -3.45 -10.74
CA LYS B 178 -33.40 -3.81 -10.09
C LYS B 178 -32.95 -2.72 -9.16
N ARG B 179 -33.10 -1.47 -9.63
CA ARG B 179 -32.77 -0.32 -8.85
C ARG B 179 -33.51 -0.31 -7.50
N ALA B 180 -34.77 -0.75 -7.48
CA ALA B 180 -35.57 -0.68 -6.26
C ALA B 180 -35.11 -1.71 -5.23
N LEU B 181 -34.53 -2.82 -5.72
CA LEU B 181 -33.97 -3.83 -4.83
C LEU B 181 -32.76 -3.24 -4.13
N LEU B 182 -31.88 -2.62 -4.92
CA LEU B 182 -30.69 -1.97 -4.39
C LEU B 182 -31.09 -0.92 -3.33
N THR B 183 -32.00 -0.04 -3.71
CA THR B 183 -32.51 1.02 -2.85
CA THR B 183 -32.45 1.02 -2.78
C THR B 183 -33.16 0.46 -1.56
N ASP B 184 -34.00 -0.56 -1.70
CA ASP B 184 -34.63 -1.20 -0.52
C ASP B 184 -33.57 -1.75 0.43
N TRP B 185 -32.56 -2.45 -0.11
CA TRP B 185 -31.53 -3.01 0.77
C TRP B 185 -30.76 -1.93 1.55
N MET B 186 -30.39 -0.85 0.85
CA MET B 186 -29.67 0.25 1.46
C MET B 186 -30.55 1.00 2.46
N ALA B 187 -31.85 1.06 2.19
CA ALA B 187 -32.81 1.76 3.07
C ALA B 187 -33.00 0.99 4.36
N ARG B 188 -32.91 -0.34 4.30
CA ARG B 188 -33.00 -1.19 5.49
C ARG B 188 -31.61 -1.61 6.05
N ASN B 189 -30.55 -0.84 5.70
CA ASN B 189 -29.21 -1.06 6.25
C ASN B 189 -29.26 -0.99 7.77
N THR B 190 -28.58 -1.92 8.45
CA THR B 190 -28.53 -1.95 9.92
C THR B 190 -27.26 -1.40 10.57
N THR B 191 -26.24 -1.08 9.77
CA THR B 191 -24.97 -0.58 10.28
C THR B 191 -24.80 0.95 10.29
N GLY B 192 -25.74 1.69 9.75
CA GLY B 192 -25.49 3.12 9.45
C GLY B 192 -26.08 4.20 10.33
N ALA B 193 -26.70 3.80 11.45
CA ALA B 193 -27.48 4.74 12.30
C ALA B 193 -26.70 5.92 12.86
N LYS B 194 -25.41 5.75 13.09
CA LYS B 194 -24.60 6.77 13.73
C LYS B 194 -23.71 7.58 12.80
N ARG B 195 -23.98 7.50 11.49
CA ARG B 195 -23.14 8.18 10.51
C ARG B 195 -23.98 9.22 9.75
N ILE B 196 -24.16 9.11 8.43
CA ILE B 196 -24.88 10.15 7.70
C ILE B 196 -26.32 10.30 8.22
N ARG B 197 -26.99 9.17 8.55
CA ARG B 197 -28.34 9.19 9.15
C ARG B 197 -28.44 10.16 10.34
N ALA B 198 -27.46 10.10 11.24
CA ALA B 198 -27.45 10.96 12.44
C ALA B 198 -27.29 12.47 12.20
N GLY B 199 -26.81 12.88 11.02
CA GLY B 199 -26.67 14.32 10.66
C GLY B 199 -27.79 14.95 9.82
N PHE B 200 -28.75 14.11 9.37
CA PHE B 200 -29.95 14.58 8.63
C PHE B 200 -31.23 14.55 9.50
N PRO B 201 -32.09 15.59 9.39
CA PRO B 201 -33.32 15.58 10.19
C PRO B 201 -34.14 14.35 9.96
N ALA B 202 -34.94 13.94 10.94
CA ALA B 202 -35.70 12.65 10.82
C ALA B 202 -36.63 12.55 9.60
N ASP B 203 -37.18 13.68 9.15
CA ASP B 203 -38.07 13.66 7.96
C ASP B 203 -37.34 13.66 6.60
N TRP B 204 -36.01 13.64 6.59
CA TRP B 204 -35.25 13.35 5.37
C TRP B 204 -35.10 11.85 5.25
N LYS B 205 -35.29 11.32 4.06
CA LYS B 205 -35.07 9.90 3.86
C LYS B 205 -33.60 9.66 3.55
N VAL B 206 -33.04 8.61 4.16
CA VAL B 206 -31.60 8.24 3.96
C VAL B 206 -31.52 6.75 3.70
N ILE B 207 -30.77 6.39 2.67
CA ILE B 207 -30.34 5.00 2.46
C ILE B 207 -28.81 5.10 2.37
N ASP B 208 -28.13 4.10 2.86
CA ASP B 208 -26.66 4.21 2.92
C ASP B 208 -25.92 2.88 2.92
N LYS B 209 -24.59 2.99 2.78
CA LYS B 209 -23.70 1.83 2.93
C LYS B 209 -22.43 2.26 3.64
N THR B 210 -22.14 1.61 4.74
CA THR B 210 -21.03 2.01 5.59
C THR B 210 -19.77 1.24 5.15
N GLY B 211 -18.62 1.73 5.65
CA GLY B 211 -17.31 1.05 5.57
C GLY B 211 -16.50 1.36 6.82
N THR B 212 -15.82 0.34 7.33
CA THR B 212 -14.96 0.48 8.51
C THR B 212 -13.74 -0.40 8.24
N GLY B 213 -12.60 0.01 8.75
CA GLY B 213 -11.34 -0.70 8.51
C GLY B 213 -10.23 -0.33 9.49
N ASP B 214 -9.04 -0.82 9.18
CA ASP B 214 -7.83 -0.50 9.95
C ASP B 214 -7.45 0.96 9.78
N TYR B 215 -6.55 1.41 10.64
CA TYR B 215 -6.10 2.80 10.70
C TYR B 215 -7.31 3.73 10.91
N GLY B 216 -8.25 3.24 11.70
CA GLY B 216 -9.38 4.08 12.11
C GLY B 216 -10.27 4.56 10.96
N ARG B 217 -10.37 3.74 9.91
CA ARG B 217 -11.20 4.05 8.76
C ARG B 217 -12.68 3.93 9.12
N ALA B 218 -13.42 4.96 8.77
CA ALA B 218 -14.87 4.92 8.86
C ALA B 218 -15.41 5.72 7.68
N ASN B 219 -16.19 5.04 6.84
CA ASN B 219 -16.83 5.63 5.66
C ASN B 219 -18.37 5.50 5.72
N ASP B 220 -19.03 6.36 4.95
CA ASP B 220 -20.43 6.20 4.67
C ASP B 220 -20.78 6.82 3.34
N ILE B 221 -21.54 6.09 2.50
CA ILE B 221 -22.12 6.66 1.26
C ILE B 221 -23.63 6.53 1.30
N ALA B 222 -24.28 7.67 1.08
CA ALA B 222 -25.74 7.77 1.21
C ALA B 222 -26.34 8.49 0.03
N VAL B 223 -27.58 8.12 -0.28
CA VAL B 223 -28.48 8.97 -1.02
C VAL B 223 -29.57 9.46 -0.05
N VAL B 224 -29.82 10.75 -0.10
CA VAL B 224 -30.80 11.37 0.79
C VAL B 224 -31.86 12.10 -0.04
N TRP B 225 -33.06 12.24 0.54
CA TRP B 225 -34.18 12.97 -0.06
C TRP B 225 -34.76 13.92 0.99
N SER B 226 -34.90 15.17 0.58
CA SER B 226 -35.58 16.19 1.35
C SER B 226 -37.02 15.84 1.57
N PRO B 227 -37.66 16.48 2.54
CA PRO B 227 -39.06 16.10 2.83
C PRO B 227 -40.04 16.13 1.60
N THR B 228 -39.79 17.04 0.66
CA THR B 228 -40.49 17.13 -0.64
C THR B 228 -39.80 16.39 -1.82
N GLY B 229 -38.91 15.46 -1.52
CA GLY B 229 -38.35 14.53 -2.51
C GLY B 229 -37.17 15.02 -3.32
N VAL B 230 -36.45 16.05 -2.87
CA VAL B 230 -35.28 16.56 -3.61
C VAL B 230 -34.11 15.65 -3.23
N PRO B 231 -33.50 14.98 -4.22
CA PRO B 231 -32.41 14.04 -3.89
C PRO B 231 -30.99 14.62 -3.92
N TYR B 232 -30.14 14.12 -3.03
CA TYR B 232 -28.72 14.41 -3.04
C TYR B 232 -27.94 13.15 -2.69
N VAL B 233 -26.70 13.11 -3.16
CA VAL B 233 -25.77 12.05 -2.81
C VAL B 233 -24.72 12.63 -1.84
N VAL B 234 -24.38 11.85 -0.82
CA VAL B 234 -23.43 12.28 0.20
C VAL B 234 -22.38 11.22 0.41
N ALA B 235 -21.12 11.53 0.08
CA ALA B 235 -20.00 10.62 0.39
C ALA B 235 -19.13 11.20 1.48
N VAL B 236 -19.03 10.48 2.58
CA VAL B 236 -18.25 10.88 3.75
C VAL B 236 -17.24 9.75 4.08
N MET B 237 -15.95 10.07 3.96
CA MET B 237 -14.86 9.08 4.19
C MET B 237 -13.85 9.62 5.20
N SER B 238 -13.31 8.75 6.04
CA SER B 238 -12.31 9.22 7.03
C SER B 238 -11.34 8.16 7.48
N ASP B 239 -10.15 8.59 7.89
CA ASP B 239 -9.23 7.70 8.62
C ASP B 239 -8.46 8.47 9.69
N ARG B 240 -7.83 7.70 10.58
CA ARG B 240 -7.07 8.20 11.71
C ARG B 240 -5.75 7.43 11.72
N ALA B 241 -4.86 7.75 10.79
CA ALA B 241 -3.65 6.90 10.60
C ALA B 241 -2.60 7.04 11.70
N GLY B 242 -2.64 8.15 12.46
CA GLY B 242 -1.71 8.46 13.55
C GLY B 242 -1.75 7.47 14.70
N GLY B 243 -2.88 6.82 14.94
CA GLY B 243 -2.96 5.81 15.99
C GLY B 243 -2.47 4.43 15.58
N GLY B 244 -2.01 4.28 14.34
CA GLY B 244 -1.56 2.98 13.83
C GLY B 244 -2.72 2.11 13.36
N TYR B 245 -2.39 0.87 12.96
CA TYR B 245 -3.35 -0.02 12.29
C TYR B 245 -4.59 -0.26 13.13
N ASP B 246 -4.46 -0.15 14.45
CA ASP B 246 -5.58 -0.40 15.31
C ASP B 246 -6.19 0.87 15.84
N ALA B 247 -5.95 2.00 15.18
CA ALA B 247 -6.56 3.28 15.57
C ALA B 247 -8.08 3.18 15.62
N GLU B 248 -8.70 3.88 16.57
CA GLU B 248 -10.15 3.78 16.71
C GLU B 248 -10.83 4.69 15.70
N PRO B 249 -11.77 4.11 14.93
CA PRO B 249 -12.60 4.93 14.07
C PRO B 249 -13.54 5.76 14.94
N ARG B 250 -13.98 6.89 14.43
CA ARG B 250 -14.89 7.80 15.14
C ARG B 250 -16.11 8.04 14.26
N GLU B 251 -17.16 7.24 14.48
CA GLU B 251 -18.46 7.44 13.81
C GLU B 251 -18.98 8.88 13.98
N ALA B 252 -18.72 9.50 15.13
CA ALA B 252 -19.21 10.86 15.42
C ALA B 252 -18.61 11.90 14.46
N LEU B 253 -17.44 11.60 13.90
CA LEU B 253 -16.82 12.47 12.88
C LEU B 253 -17.69 12.51 11.59
N LEU B 254 -18.25 11.37 11.24
CA LEU B 254 -19.11 11.27 10.07
C LEU B 254 -20.45 11.93 10.32
N ALA B 255 -21.02 11.75 11.51
CA ALA B 255 -22.29 12.37 11.85
C ALA B 255 -22.16 13.89 11.81
N GLU B 256 -21.02 14.42 12.21
CA GLU B 256 -20.77 15.86 12.19
C GLU B 256 -20.56 16.43 10.80
N ALA B 257 -19.73 15.77 9.98
CA ALA B 257 -19.54 16.13 8.61
C ALA B 257 -20.89 16.13 7.90
N ALA B 258 -21.72 15.12 8.16
CA ALA B 258 -23.04 15.01 7.54
C ALA B 258 -23.98 16.13 8.01
N THR B 259 -23.85 16.53 9.27
CA THR B 259 -24.61 17.66 9.83
C THR B 259 -24.22 18.94 9.11
N CYS B 260 -22.93 19.16 8.92
CA CYS B 260 -22.49 20.31 8.12
C CYS B 260 -23.18 20.33 6.75
N VAL B 261 -23.11 19.21 6.03
CA VAL B 261 -23.75 19.06 4.70
C VAL B 261 -25.26 19.40 4.77
N ALA B 262 -25.98 18.67 5.64
CA ALA B 262 -27.43 18.84 5.85
C ALA B 262 -27.81 20.29 6.19
N GLY B 263 -27.01 20.95 7.04
CA GLY B 263 -27.17 22.37 7.28
C GLY B 263 -27.18 23.20 6.00
N VAL B 264 -26.25 22.94 5.08
CA VAL B 264 -26.23 23.64 3.78
C VAL B 264 -27.49 23.25 2.97
N LEU B 265 -27.77 21.95 2.87
CA LEU B 265 -28.83 21.44 2.02
C LEU B 265 -30.25 21.81 2.49
N ALA B 266 -30.49 21.95 3.79
CA ALA B 266 -31.85 22.10 4.35
C ALA B 266 -32.22 23.55 4.59
N LEU B 267 -31.22 24.42 4.69
CA LEU B 267 -31.48 25.84 5.00
C LEU B 267 -31.78 26.56 3.69
N GLU B 268 -32.76 27.48 3.75
CA GLU B 268 -33.12 28.36 2.63
C GLU B 268 -32.85 29.80 2.99
#